data_8C2Z
#
_entry.id   8C2Z
#
_cell.length_a   115.896
_cell.length_b   121.509
_cell.length_c   54.021
_cell.angle_alpha   90.000
_cell.angle_beta   90.000
_cell.angle_gamma   90.000
#
_symmetry.space_group_name_H-M   'C 2 2 21'
#
loop_
_entity.id
_entity.type
_entity.pdbx_description
1 polymer 'Dual specificity tyrosine-phosphorylation-regulated kinase 1B'
2 non-polymer N-[2-methoxy-4-(4-methylpiperazin-1-yl)phenyl]-4-(1-methylpyrrolo[2,3-c]pyridin-3-yl)pyrimidin-2-amine
3 non-polymer 'MANGANESE (II) ION'
4 water water
#
_entity_poly.entity_id   1
_entity_poly.type   'polypeptide(L)'
_entity_poly.pdbx_seq_one_letter_code
;MDSSNKKEKKVLNHGYDDDNHDYIVRSGERWLERYEIDSLIGKGSFGQVVKAYDHQTQELVAIKIIKNKKAFLNQAQIEL
RLLELMNQHDTEMKYYIVHLKRHFMFRNHLCLVFELLSYNLYDLLRNTHFRGVSLNLTRKLAQQLCTALLFLATPELSII
HCDLKPENILLCNPKRSAIKIVDFGSSCQLGQRIYQ(PTR)IQSRFYRSPEVLLGTPYDLAIDMWSLGCILVEMHTGEPL
FSGSNEVDQMNRIVEVLGIPPAAMLDQAPKARKYFERLPGGGWTLRRTKELRKDYQGPGTRRLQEVLGVQTGGPGGRRAG
EPGHSPADYLRFQDLVLRMLEYEPAARISPLGALQHGFFRRTADEATNTGENLYFQ
;
_entity_poly.pdbx_strand_id   A
#
loop_
_chem_comp.id
_chem_comp.type
_chem_comp.name
_chem_comp.formula
MN non-polymer 'MANGANESE (II) ION' 'Mn 2'
QS0 non-polymer N-[2-methoxy-4-(4-methylpiperazin-1-yl)phenyl]-4-(1-methylpyrrolo[2,3-c]pyridin-3-yl)pyrimidin-2-amine 'C24 H27 N7 O'
#
# COMPACT_ATOMS: atom_id res chain seq x y z
N LEU A 12 -3.49 17.23 25.56
CA LEU A 12 -4.20 18.42 25.03
C LEU A 12 -3.32 19.66 25.17
N ASN A 13 -2.93 20.28 24.05
CA ASN A 13 -2.05 21.47 24.09
C ASN A 13 -2.92 22.72 23.90
N HIS A 14 -3.02 23.53 24.94
CA HIS A 14 -3.84 24.76 24.87
C HIS A 14 -5.23 24.40 24.34
N GLY A 15 -5.60 23.12 24.40
CA GLY A 15 -6.92 22.71 23.98
C GLY A 15 -7.05 22.46 22.49
N TYR A 16 -5.94 22.44 21.77
CA TYR A 16 -6.00 22.20 20.33
C TYR A 16 -6.06 20.71 19.98
N ASP A 17 -5.60 19.82 20.88
CA ASP A 17 -5.43 18.41 20.58
C ASP A 17 -6.47 17.54 21.30
N ASP A 18 -6.93 16.50 20.62
CA ASP A 18 -7.76 15.53 21.32
C ASP A 18 -6.84 14.54 22.06
N ASP A 19 -7.46 13.55 22.72
CA ASP A 19 -6.71 12.59 23.51
C ASP A 19 -5.71 11.78 22.69
N ASN A 20 -5.93 11.62 21.39
CA ASN A 20 -5.00 10.92 20.51
C ASN A 20 -3.91 11.83 19.96
N HIS A 21 -3.82 13.05 20.46
CA HIS A 21 -2.87 14.05 19.99
C HIS A 21 -3.11 14.44 18.54
N ASP A 22 -4.32 14.20 18.04
CA ASP A 22 -4.71 14.73 16.75
C ASP A 22 -5.22 16.15 16.94
N TYR A 23 -4.90 17.02 15.98
CA TYR A 23 -5.47 18.35 15.97
C TYR A 23 -6.99 18.26 15.85
N ILE A 24 -7.69 19.06 16.64
CA ILE A 24 -9.15 19.06 16.65
C ILE A 24 -9.60 19.91 15.46
N VAL A 25 -10.00 19.25 14.37
CA VAL A 25 -10.34 19.94 13.13
C VAL A 25 -11.68 20.65 13.28
N ARG A 26 -11.70 21.92 12.91
CA ARG A 26 -12.90 22.75 12.92
C ARG A 26 -13.07 23.35 11.53
N SER A 27 -14.18 23.02 10.87
CA SER A 27 -14.42 23.53 9.51
C SER A 27 -14.50 25.05 9.57
N GLY A 28 -13.99 25.73 8.52
CA GLY A 28 -14.01 27.18 8.49
C GLY A 28 -12.88 27.84 9.25
N GLU A 29 -12.08 27.09 10.00
CA GLU A 29 -10.96 27.72 10.69
C GLU A 29 -9.92 28.21 9.67
N ARG A 30 -9.24 29.30 10.02
CA ARG A 30 -8.24 29.90 9.15
C ARG A 30 -6.87 29.73 9.78
N TRP A 31 -5.92 29.31 8.97
CA TRP A 31 -4.56 29.05 9.45
C TRP A 31 -3.62 29.98 8.73
N LEU A 32 -2.76 30.65 9.48
CA LEU A 32 -1.70 31.44 8.89
C LEU A 32 -2.25 32.51 7.96
N GLU A 33 -3.48 32.95 8.20
CA GLU A 33 -4.15 33.95 7.36
C GLU A 33 -4.08 33.57 5.90
N ARG A 34 -4.18 32.26 5.64
CA ARG A 34 -3.99 31.78 4.29
C ARG A 34 -4.87 30.57 4.01
N TYR A 35 -4.79 29.54 4.84
CA TYR A 35 -5.50 28.28 4.63
C TYR A 35 -6.79 28.27 5.43
N GLU A 36 -7.90 27.95 4.77
CA GLU A 36 -9.20 27.72 5.43
C GLU A 36 -9.49 26.22 5.43
N ILE A 37 -9.69 25.64 6.61
CA ILE A 37 -9.93 24.19 6.69
C ILE A 37 -11.39 23.91 6.30
N ASP A 38 -11.60 23.00 5.32
CA ASP A 38 -12.96 22.68 4.90
C ASP A 38 -13.50 21.43 5.61
N SER A 39 -12.75 20.34 5.60
CA SER A 39 -13.32 19.10 6.08
C SER A 39 -12.21 18.08 6.23
N LEU A 40 -12.52 17.01 6.94
CA LEU A 40 -11.59 15.93 7.16
C LEU A 40 -11.61 15.00 5.95
N ILE A 41 -10.45 14.78 5.35
CA ILE A 41 -10.35 13.75 4.31
C ILE A 41 -10.19 12.39 4.92
N GLY A 42 -9.25 12.24 5.86
CA GLY A 42 -8.93 10.94 6.40
C GLY A 42 -8.20 11.08 7.71
N LYS A 43 -8.28 10.02 8.52
CA LYS A 43 -7.44 9.79 9.70
C LYS A 43 -6.57 8.57 9.46
N GLY A 44 -5.49 8.47 10.23
CA GLY A 44 -4.62 7.30 10.20
C GLY A 44 -3.67 7.38 11.36
N SER A 45 -2.79 6.37 11.42
CA SER A 45 -1.77 6.29 12.47
C SER A 45 -1.00 7.59 12.58
N PHE A 46 -0.56 8.12 11.43
CA PHE A 46 0.19 9.36 11.34
C PHE A 46 -0.56 10.57 11.90
N GLY A 47 -1.90 10.57 11.87
CA GLY A 47 -2.60 11.82 12.06
C GLY A 47 -3.82 11.99 11.18
N GLN A 48 -3.96 13.15 10.54
CA GLN A 48 -5.16 13.52 9.80
C GLN A 48 -4.79 14.15 8.46
N VAL A 49 -5.68 14.02 7.50
CA VAL A 49 -5.59 14.81 6.26
C VAL A 49 -6.89 15.59 6.10
N VAL A 50 -6.76 16.86 5.80
CA VAL A 50 -7.91 17.75 5.67
C VAL A 50 -7.88 18.38 4.28
N LYS A 51 -9.08 18.69 3.78
CA LYS A 51 -9.22 19.50 2.58
C LYS A 51 -9.23 20.95 3.05
N ALA A 52 -8.44 21.79 2.41
CA ALA A 52 -8.24 23.16 2.81
C ALA A 52 -8.24 24.03 1.56
N TYR A 53 -8.63 25.29 1.72
CA TYR A 53 -8.59 26.26 0.63
C TYR A 53 -7.44 27.22 0.89
N ASP A 54 -6.54 27.36 -0.08
CA ASP A 54 -5.41 28.29 -0.02
C ASP A 54 -5.91 29.58 -0.62
N HIS A 55 -6.20 30.55 0.24
CA HIS A 55 -6.76 31.81 -0.20
C HIS A 55 -5.77 32.61 -1.02
N GLN A 56 -4.48 32.35 -0.87
CA GLN A 56 -3.49 33.12 -1.62
C GLN A 56 -3.43 32.71 -3.08
N THR A 57 -3.45 31.42 -3.33
CA THR A 57 -3.42 30.91 -4.69
C THR A 57 -4.82 30.62 -5.20
N GLN A 58 -5.82 30.69 -4.32
CA GLN A 58 -7.21 30.43 -4.67
C GLN A 58 -7.34 29.01 -5.22
N GLU A 59 -6.81 28.05 -4.48
CA GLU A 59 -6.84 26.65 -4.90
C GLU A 59 -7.11 25.75 -3.69
N LEU A 60 -7.80 24.65 -3.91
CA LEU A 60 -7.89 23.64 -2.87
C LEU A 60 -6.55 22.90 -2.75
N VAL A 61 -6.22 22.50 -1.52
CA VAL A 61 -5.05 21.68 -1.24
C VAL A 61 -5.46 20.59 -0.28
N ALA A 62 -4.61 19.58 -0.12
CA ALA A 62 -4.80 18.68 1.00
C ALA A 62 -3.69 18.96 2.00
N ILE A 63 -4.01 18.99 3.29
CA ILE A 63 -3.00 19.22 4.31
C ILE A 63 -2.93 18.01 5.21
N LYS A 64 -1.75 17.39 5.33
CA LYS A 64 -1.52 16.30 6.26
C LYS A 64 -1.03 16.90 7.58
N ILE A 65 -1.81 16.74 8.64
CA ILE A 65 -1.47 17.21 9.99
C ILE A 65 -0.93 16.03 10.78
N ILE A 66 0.38 16.03 11.02
CA ILE A 66 1.00 14.95 11.78
C ILE A 66 0.59 15.04 13.24
N LYS A 67 0.33 13.89 13.87
CA LYS A 67 0.04 13.84 15.30
C LYS A 67 1.07 14.63 16.09
N ASN A 68 0.62 15.25 17.18
CA ASN A 68 1.53 15.96 18.08
C ASN A 68 2.18 14.96 19.05
N LYS A 69 3.12 14.17 18.51
CA LYS A 69 3.93 13.25 19.31
C LYS A 69 5.35 13.28 18.78
N LYS A 70 6.32 13.28 19.70
CA LYS A 70 7.72 13.21 19.31
C LYS A 70 7.94 12.10 18.28
N ALA A 71 7.40 10.91 18.53
CA ALA A 71 7.64 9.78 17.63
C ALA A 71 7.08 10.07 16.24
N PHE A 72 5.85 10.57 16.16
CA PHE A 72 5.26 10.83 14.86
C PHE A 72 5.92 12.03 14.20
N LEU A 73 6.25 13.05 14.99
CA LEU A 73 7.01 14.18 14.45
C LEU A 73 8.33 13.68 13.86
N ASN A 74 9.05 12.82 14.59
CA ASN A 74 10.34 12.31 14.14
C ASN A 74 10.20 11.45 12.88
N GLN A 75 9.15 10.63 12.80
CA GLN A 75 8.97 9.79 11.62
C GLN A 75 8.64 10.63 10.40
N ALA A 76 7.98 11.76 10.58
CA ALA A 76 7.59 12.60 9.45
C ALA A 76 8.74 13.45 8.92
N GLN A 77 9.77 13.68 9.72
CA GLN A 77 11.03 14.18 9.17
C GLN A 77 11.50 13.28 8.04
N ILE A 78 11.37 11.97 8.22
CA ILE A 78 11.82 11.07 7.17
C ILE A 78 10.91 11.21 5.97
N GLU A 79 9.60 11.28 6.21
CA GLU A 79 8.66 11.34 5.12
C GLU A 79 8.91 12.61 4.32
N LEU A 80 9.16 13.71 5.02
CA LEU A 80 9.50 14.99 4.36
C LEU A 80 10.76 14.82 3.51
N ARG A 81 11.81 14.24 4.08
CA ARG A 81 13.05 14.12 3.33
C ARG A 81 12.84 13.27 2.07
N LEU A 82 12.05 12.19 2.18
CA LEU A 82 11.88 11.32 1.03
C LEU A 82 11.05 12.00 -0.03
N LEU A 83 10.00 12.74 0.37
CA LEU A 83 9.20 13.47 -0.62
C LEU A 83 10.06 14.48 -1.37
N GLU A 84 10.90 15.23 -0.65
CA GLU A 84 11.78 16.18 -1.33
C GLU A 84 12.79 15.47 -2.23
N LEU A 85 13.32 14.31 -1.80
CA LEU A 85 14.23 13.57 -2.66
C LEU A 85 13.57 13.20 -3.99
N MET A 86 12.33 12.69 -3.92
CA MET A 86 11.62 12.25 -5.13
C MET A 86 11.26 13.40 -6.06
N ASN A 87 11.30 14.63 -5.60
CA ASN A 87 11.00 15.78 -6.44
C ASN A 87 12.23 16.44 -7.05
N GLN A 88 13.45 15.95 -6.76
CA GLN A 88 14.67 16.71 -7.04
C GLN A 88 14.94 16.92 -8.55
N HIS A 89 14.56 15.97 -9.40
CA HIS A 89 15.00 15.92 -10.79
C HIS A 89 13.83 16.05 -11.78
N ASP A 90 14.17 16.30 -13.05
CA ASP A 90 13.17 16.49 -14.10
C ASP A 90 12.85 15.16 -14.79
N THR A 91 12.25 14.24 -14.04
CA THR A 91 11.87 12.92 -14.57
C THR A 91 10.39 12.85 -14.93
N GLU A 92 10.03 11.91 -15.79
CA GLU A 92 8.62 11.73 -16.08
C GLU A 92 7.93 10.91 -14.99
N MET A 93 8.61 9.88 -14.51
CA MET A 93 8.05 8.92 -13.56
C MET A 93 7.63 9.58 -12.27
N LYS A 94 8.28 10.69 -11.88
CA LYS A 94 7.94 11.26 -10.59
C LYS A 94 6.50 11.77 -10.51
N TYR A 95 5.80 11.95 -11.63
CA TYR A 95 4.43 12.47 -11.61
C TYR A 95 3.40 11.38 -11.27
N TYR A 96 3.84 10.17 -10.82
CA TYR A 96 2.94 9.19 -10.21
C TYR A 96 2.88 9.35 -8.71
N ILE A 97 3.69 10.24 -8.18
CA ILE A 97 3.74 10.58 -6.77
C ILE A 97 3.02 11.91 -6.56
N VAL A 98 2.14 11.95 -5.55
CA VAL A 98 1.54 13.21 -5.15
C VAL A 98 2.65 14.03 -4.51
N HIS A 99 2.90 15.21 -5.03
CA HIS A 99 4.08 15.95 -4.59
C HIS A 99 3.73 16.96 -3.48
N LEU A 100 4.66 17.09 -2.57
CA LEU A 100 4.56 18.03 -1.48
C LEU A 100 4.78 19.43 -2.01
N LYS A 101 3.78 20.29 -1.84
CA LYS A 101 3.90 21.70 -2.18
C LYS A 101 4.72 22.47 -1.14
N ARG A 102 4.47 22.20 0.14
CA ARG A 102 5.23 22.90 1.17
C ARG A 102 4.97 22.21 2.50
N HIS A 103 5.74 22.60 3.50
CA HIS A 103 5.54 22.11 4.84
C HIS A 103 5.75 23.28 5.80
N PHE A 104 5.05 23.25 6.93
CA PHE A 104 5.15 24.29 7.93
C PHE A 104 4.73 23.69 9.25
N MET A 105 5.03 24.41 10.32
CA MET A 105 4.63 24.04 11.66
C MET A 105 3.46 24.91 12.09
N PHE A 106 2.49 24.28 12.74
CA PHE A 106 1.27 24.96 13.14
C PHE A 106 0.77 24.36 14.43
N ARG A 107 0.74 25.17 15.49
CA ARG A 107 0.23 24.73 16.78
C ARG A 107 0.78 23.36 17.18
N ASN A 108 2.09 23.22 17.11
CA ASN A 108 2.75 21.96 17.58
C ASN A 108 2.44 20.79 16.65
N HIS A 109 2.07 21.05 15.40
CA HIS A 109 1.88 19.97 14.43
C HIS A 109 2.65 20.28 13.19
N LEU A 110 3.38 19.30 12.69
CA LEU A 110 4.02 19.41 11.38
C LEU A 110 2.92 19.22 10.33
N CYS A 111 2.86 20.14 9.36
CA CYS A 111 1.82 20.12 8.34
C CYS A 111 2.45 20.03 6.97
N LEU A 112 2.02 19.06 6.16
CA LEU A 112 2.50 18.88 4.79
C LEU A 112 1.36 19.21 3.82
N VAL A 113 1.61 20.12 2.88
CA VAL A 113 0.58 20.56 1.93
C VAL A 113 0.79 19.83 0.60
N PHE A 114 -0.27 19.19 0.08
CA PHE A 114 -0.22 18.52 -1.21
C PHE A 114 -1.27 19.11 -2.15
N GLU A 115 -1.06 18.97 -3.47
CA GLU A 115 -2.19 19.10 -4.39
C GLU A 115 -3.33 18.20 -3.92
N LEU A 116 -4.57 18.65 -4.14
CA LEU A 116 -5.75 17.89 -3.75
C LEU A 116 -6.14 16.93 -4.88
N LEU A 117 -6.24 15.64 -4.58
CA LEU A 117 -6.81 14.71 -5.56
C LEU A 117 -8.28 14.38 -5.20
N SER A 118 -8.89 13.50 -6.00
CA SER A 118 -10.34 13.41 -5.97
C SER A 118 -10.82 12.38 -4.96
N TYR A 119 -10.25 11.19 -5.02
CA TYR A 119 -10.65 10.18 -4.07
C TYR A 119 -9.69 9.02 -4.24
N ASN A 120 -9.95 7.94 -3.49
CA ASN A 120 -8.97 6.87 -3.43
C ASN A 120 -9.53 5.59 -4.07
N LEU A 121 -8.68 4.57 -4.16
CA LEU A 121 -9.09 3.39 -4.89
C LEU A 121 -10.19 2.63 -4.14
N TYR A 122 -10.23 2.75 -2.82
CA TYR A 122 -11.33 2.14 -2.07
C TYR A 122 -12.64 2.83 -2.41
N ASP A 123 -12.61 4.14 -2.63
CA ASP A 123 -13.85 4.85 -3.06
C ASP A 123 -14.28 4.34 -4.42
N LEU A 124 -13.33 4.17 -5.35
CA LEU A 124 -13.66 3.64 -6.68
C LEU A 124 -14.34 2.29 -6.56
N LEU A 125 -13.79 1.41 -5.72
CA LEU A 125 -14.39 0.09 -5.50
C LEU A 125 -15.78 0.19 -4.88
N ARG A 126 -15.98 1.11 -3.94
CA ARG A 126 -17.30 1.23 -3.31
C ARG A 126 -18.32 1.70 -4.34
N ASN A 127 -17.90 2.55 -5.29
CA ASN A 127 -18.80 2.96 -6.37
C ASN A 127 -19.18 1.79 -7.29
N THR A 128 -18.41 0.69 -7.27
CA THR A 128 -18.79 -0.54 -7.97
C THR A 128 -19.62 -1.47 -7.10
N HIS A 129 -20.06 -1.01 -5.93
CA HIS A 129 -20.67 -1.87 -4.91
C HIS A 129 -19.76 -3.04 -4.57
N PHE A 130 -18.45 -2.77 -4.58
CA PHE A 130 -17.43 -3.76 -4.26
C PHE A 130 -17.60 -4.98 -5.13
N ARG A 131 -18.04 -4.76 -6.36
CA ARG A 131 -18.00 -5.82 -7.34
C ARG A 131 -16.71 -5.85 -8.14
N GLY A 132 -15.88 -4.81 -8.05
CA GLY A 132 -14.65 -4.75 -8.83
C GLY A 132 -14.84 -3.93 -10.10
N VAL A 133 -13.72 -3.52 -10.70
CA VAL A 133 -13.75 -2.76 -11.95
C VAL A 133 -13.41 -3.72 -13.08
N SER A 134 -13.66 -3.27 -14.32
CA SER A 134 -13.37 -4.10 -15.47
C SER A 134 -11.88 -4.46 -15.53
N LEU A 135 -11.60 -5.54 -16.25
CA LEU A 135 -10.21 -5.91 -16.52
C LEU A 135 -9.47 -4.79 -17.26
N ASN A 136 -10.14 -4.07 -18.16
CA ASN A 136 -9.46 -2.96 -18.85
C ASN A 136 -9.06 -1.86 -17.86
N LEU A 137 -9.93 -1.52 -16.92
CA LEU A 137 -9.52 -0.50 -15.98
C LEU A 137 -8.51 -1.05 -14.99
N THR A 138 -8.67 -2.32 -14.58
CA THR A 138 -7.62 -2.92 -13.76
C THR A 138 -6.28 -2.80 -14.46
N ARG A 139 -6.26 -3.00 -15.79
CA ARG A 139 -4.98 -2.96 -16.46
C ARG A 139 -4.40 -1.54 -16.44
N LYS A 140 -5.24 -0.53 -16.72
CA LYS A 140 -4.79 0.87 -16.69
C LYS A 140 -4.24 1.23 -15.33
N LEU A 141 -4.90 0.79 -14.27
CA LEU A 141 -4.42 1.17 -12.95
C LEU A 141 -3.13 0.44 -12.63
N ALA A 142 -3.06 -0.86 -12.98
CA ALA A 142 -1.87 -1.67 -12.63
C ALA A 142 -0.62 -1.13 -13.31
N GLN A 143 -0.74 -0.74 -14.59
CA GLN A 143 0.48 -0.33 -15.28
C GLN A 143 1.02 0.94 -14.68
N GLN A 144 0.12 1.82 -14.21
CA GLN A 144 0.58 3.03 -13.54
C GLN A 144 1.24 2.68 -12.21
N LEU A 145 0.60 1.80 -11.43
CA LEU A 145 1.21 1.39 -10.16
C LEU A 145 2.56 0.72 -10.36
N CYS A 146 2.68 -0.18 -11.37
CA CYS A 146 4.00 -0.77 -11.64
C CYS A 146 5.02 0.29 -11.97
N THR A 147 4.61 1.32 -12.71
CA THR A 147 5.56 2.38 -13.06
C THR A 147 5.97 3.16 -11.83
N ALA A 148 5.03 3.42 -10.91
CA ALA A 148 5.41 4.13 -9.69
C ALA A 148 6.41 3.30 -8.89
N LEU A 149 6.24 1.96 -8.88
CA LEU A 149 7.24 1.10 -8.26
C LEU A 149 8.57 1.12 -8.98
N LEU A 150 8.55 1.16 -10.32
CA LEU A 150 9.81 1.27 -11.07
C LEU A 150 10.55 2.53 -10.67
N PHE A 151 9.80 3.63 -10.53
CA PHE A 151 10.37 4.90 -10.08
C PHE A 151 11.02 4.77 -8.71
N LEU A 152 10.27 4.21 -7.73
CA LEU A 152 10.86 4.07 -6.39
C LEU A 152 12.10 3.19 -6.42
N ALA A 153 12.21 2.28 -7.41
CA ALA A 153 13.34 1.36 -7.42
C ALA A 153 14.59 2.00 -8.04
N THR A 154 14.46 3.18 -8.64
CA THR A 154 15.62 3.92 -9.11
C THR A 154 16.69 3.89 -8.03
N PRO A 155 17.92 3.49 -8.35
CA PRO A 155 18.95 3.37 -7.31
C PRO A 155 19.10 4.59 -6.41
N GLU A 156 19.08 5.81 -6.96
CA GLU A 156 19.22 7.01 -6.14
C GLU A 156 18.09 7.13 -5.11
N LEU A 157 16.91 6.59 -5.39
CA LEU A 157 15.83 6.62 -4.42
C LEU A 157 15.86 5.36 -3.56
N SER A 158 15.68 4.19 -4.20
CA SER A 158 15.65 2.92 -3.48
C SER A 158 14.65 2.97 -2.32
N ILE A 159 13.47 3.47 -2.60
CA ILE A 159 12.49 3.74 -1.55
C ILE A 159 11.53 2.58 -1.47
N ILE A 160 11.36 2.05 -0.25
CA ILE A 160 10.29 1.11 0.06
C ILE A 160 9.11 1.92 0.61
N HIS A 161 7.98 1.88 -0.10
CA HIS A 161 6.81 2.66 0.33
C HIS A 161 6.29 2.16 1.64
N CYS A 162 6.14 0.83 1.77
CA CYS A 162 5.80 0.15 3.01
C CYS A 162 4.33 0.26 3.40
N ASP A 163 3.50 1.01 2.67
CA ASP A 163 2.10 1.08 3.05
C ASP A 163 1.22 1.23 1.83
N LEU A 164 1.58 0.52 0.75
CA LEU A 164 0.72 0.44 -0.41
C LEU A 164 -0.58 -0.28 -0.06
N LYS A 165 -1.69 0.36 -0.42
CA LYS A 165 -3.03 -0.08 -0.06
C LYS A 165 -4.01 0.88 -0.72
N PRO A 166 -5.26 0.43 -0.92
CA PRO A 166 -6.20 1.24 -1.73
C PRO A 166 -6.36 2.67 -1.23
N GLU A 167 -6.36 2.86 0.09
CA GLU A 167 -6.50 4.20 0.67
C GLU A 167 -5.38 5.14 0.21
N ASN A 168 -4.22 4.59 -0.19
CA ASN A 168 -3.04 5.42 -0.49
C ASN A 168 -2.80 5.53 -1.97
N ILE A 169 -3.81 5.20 -2.75
CA ILE A 169 -3.73 5.22 -4.21
C ILE A 169 -4.88 6.11 -4.63
N LEU A 170 -4.57 7.30 -5.12
CA LEU A 170 -5.59 8.33 -5.33
C LEU A 170 -5.85 8.53 -6.83
N LEU A 171 -7.11 8.79 -7.19
CA LEU A 171 -7.47 9.11 -8.57
C LEU A 171 -7.32 10.61 -8.71
N CYS A 172 -6.62 11.05 -9.74
CA CYS A 172 -6.41 12.48 -9.99
C CYS A 172 -7.75 13.15 -10.28
N ASN A 173 -8.52 12.55 -11.19
CA ASN A 173 -9.79 13.18 -11.64
C ASN A 173 -10.94 12.17 -11.64
N PRO A 174 -12.16 12.60 -11.30
CA PRO A 174 -13.31 11.70 -11.21
C PRO A 174 -13.69 10.95 -12.49
N LYS A 175 -13.46 11.56 -13.65
CA LYS A 175 -13.77 10.88 -14.90
C LYS A 175 -12.49 10.54 -15.65
N ARG A 176 -11.47 10.07 -14.94
CA ARG A 176 -10.23 9.72 -15.61
C ARG A 176 -9.55 8.69 -14.76
N SER A 177 -8.72 7.88 -15.40
CA SER A 177 -8.14 6.77 -14.69
C SER A 177 -6.72 7.05 -14.23
N ALA A 178 -6.24 8.29 -14.33
CA ALA A 178 -4.90 8.65 -13.86
C ALA A 178 -4.81 8.51 -12.35
N ILE A 179 -3.71 7.93 -11.84
CA ILE A 179 -3.56 7.83 -10.39
C ILE A 179 -2.21 8.37 -9.92
N LYS A 180 -2.14 8.66 -8.62
CA LYS A 180 -0.88 8.98 -7.96
C LYS A 180 -0.86 8.33 -6.58
N ILE A 181 0.32 8.19 -6.01
CA ILE A 181 0.35 7.53 -4.71
C ILE A 181 0.76 8.51 -3.61
N VAL A 182 0.29 8.24 -2.40
CA VAL A 182 0.48 9.12 -1.24
C VAL A 182 1.00 8.27 -0.08
N ASP A 183 1.28 8.94 1.04
CA ASP A 183 1.63 8.23 2.31
C ASP A 183 3.01 7.61 2.33
N PHE A 184 4.04 8.43 2.28
CA PHE A 184 5.38 7.91 2.52
C PHE A 184 5.77 8.01 3.98
N GLY A 185 4.79 7.99 4.87
CA GLY A 185 5.01 8.22 6.29
C GLY A 185 5.69 7.05 6.99
N SER A 186 5.60 5.86 6.43
CA SER A 186 6.37 4.73 6.96
C SER A 186 7.46 4.28 6.00
N SER A 187 7.72 5.04 4.96
CA SER A 187 8.68 4.62 3.94
C SER A 187 10.11 4.69 4.48
N CYS A 188 10.98 3.88 3.89
CA CYS A 188 12.41 3.91 4.18
C CYS A 188 13.15 3.62 2.89
N GLN A 189 14.46 3.86 2.89
CA GLN A 189 15.30 3.46 1.78
C GLN A 189 15.94 2.11 2.06
N LEU A 190 16.36 1.43 0.98
CA LEU A 190 16.87 0.07 1.04
C LEU A 190 17.96 -0.03 2.10
N GLY A 191 17.98 -1.17 2.79
CA GLY A 191 18.91 -1.43 3.88
C GLY A 191 18.60 -0.67 5.15
N GLN A 192 18.07 0.56 5.00
CA GLN A 192 17.80 1.44 6.11
C GLN A 192 16.48 1.13 6.80
N ARG A 193 16.11 -0.15 6.80
CA ARG A 193 14.88 -0.59 7.43
C ARG A 193 14.92 -0.32 8.93
N ILE A 194 13.80 0.16 9.47
CA ILE A 194 13.76 0.69 10.82
C ILE A 194 12.46 0.33 11.53
N TYR A 195 11.84 -0.78 11.13
CA TYR A 195 10.63 -1.27 11.79
C TYR A 195 10.32 -2.68 11.31
N GLN A 196 9.92 -3.56 12.25
CA GLN A 196 9.67 -4.96 11.93
C GLN A 196 8.18 -5.20 11.66
N PTR A 197 7.34 -4.33 12.18
CA PTR A 197 5.90 -4.52 12.01
C PTR A 197 5.42 -3.42 11.05
O PTR A 197 5.04 -2.36 11.48
CB PTR A 197 5.28 -4.50 13.40
CG PTR A 197 3.78 -4.69 13.52
CD1 PTR A 197 3.20 -5.94 13.32
CD2 PTR A 197 2.95 -3.64 13.95
CE1 PTR A 197 1.84 -6.12 13.48
CE2 PTR A 197 1.59 -3.82 14.12
CZ PTR A 197 1.03 -5.06 13.86
OH PTR A 197 -0.25 -5.23 14.04
P PTR A 197 -1.23 -5.53 12.80
O1P PTR A 197 -1.14 -6.98 12.35
O2P PTR A 197 -0.79 -4.46 11.77
O3P PTR A 197 -2.66 -5.19 13.27
N ILE A 198 5.50 -3.68 9.74
CA ILE A 198 5.16 -2.68 8.71
C ILE A 198 4.18 -3.22 7.70
N GLN A 199 3.70 -2.32 6.85
CA GLN A 199 2.65 -2.60 5.86
C GLN A 199 1.33 -2.80 6.59
N SER A 200 0.25 -2.44 5.93
CA SER A 200 -1.09 -2.71 6.41
C SER A 200 -1.38 -4.20 6.24
N ARG A 201 -2.10 -4.80 7.22
CA ARG A 201 -2.02 -6.25 7.41
C ARG A 201 -2.48 -7.02 6.19
N PHE A 202 -3.58 -6.59 5.57
CA PHE A 202 -4.07 -7.33 4.41
C PHE A 202 -3.03 -7.35 3.31
N TYR A 203 -2.18 -6.32 3.25
CA TYR A 203 -1.27 -6.13 2.15
C TYR A 203 0.17 -6.46 2.57
N ARG A 204 0.33 -7.12 3.72
CA ARG A 204 1.63 -7.36 4.30
C ARG A 204 2.28 -8.59 3.66
N SER A 205 3.56 -8.47 3.31
CA SER A 205 4.25 -9.52 2.60
C SER A 205 4.65 -10.66 3.52
N PRO A 206 4.85 -11.85 2.95
CA PRO A 206 5.37 -12.99 3.76
C PRO A 206 6.70 -12.68 4.45
N GLU A 207 7.62 -12.00 3.80
CA GLU A 207 8.91 -11.81 4.47
C GLU A 207 8.78 -10.93 5.72
N VAL A 208 7.85 -9.96 5.71
CA VAL A 208 7.54 -9.14 6.88
C VAL A 208 6.76 -9.98 7.89
N LEU A 209 5.80 -10.77 7.43
CA LEU A 209 5.17 -11.71 8.33
C LEU A 209 6.21 -12.66 8.96
N LEU A 210 7.23 -13.04 8.21
CA LEU A 210 8.18 -14.02 8.74
C LEU A 210 9.34 -13.40 9.49
N GLY A 211 9.41 -12.08 9.55
CA GLY A 211 10.50 -11.39 10.21
C GLY A 211 11.82 -11.41 9.47
N THR A 212 11.81 -11.72 8.12
CA THR A 212 13.09 -11.75 7.40
C THR A 212 13.44 -10.37 6.87
N PRO A 213 14.71 -10.13 6.52
CA PRO A 213 15.06 -8.90 5.82
C PRO A 213 14.20 -8.64 4.58
N TYR A 214 13.72 -7.42 4.46
CA TYR A 214 12.81 -7.09 3.36
C TYR A 214 13.42 -6.00 2.52
N ASP A 215 12.91 -5.86 1.30
CA ASP A 215 13.46 -4.88 0.38
C ASP A 215 12.27 -4.38 -0.44
N LEU A 216 12.57 -3.80 -1.61
CA LEU A 216 11.50 -3.15 -2.36
C LEU A 216 10.44 -4.14 -2.81
N ALA A 217 10.74 -5.44 -2.79
CA ALA A 217 9.78 -6.42 -3.24
C ALA A 217 8.50 -6.48 -2.38
N ILE A 218 8.54 -6.03 -1.12
CA ILE A 218 7.33 -6.07 -0.31
C ILE A 218 6.21 -5.22 -0.93
N ASP A 219 6.58 -4.15 -1.61
CA ASP A 219 5.59 -3.31 -2.30
C ASP A 219 4.95 -4.06 -3.46
N MET A 220 5.71 -4.93 -4.12
CA MET A 220 5.15 -5.70 -5.23
C MET A 220 4.13 -6.71 -4.71
N TRP A 221 4.42 -7.35 -3.59
CA TRP A 221 3.41 -8.18 -2.90
C TRP A 221 2.11 -7.41 -2.66
N SER A 222 2.21 -6.23 -1.99
CA SER A 222 1.04 -5.38 -1.84
C SER A 222 0.33 -5.16 -3.16
N LEU A 223 1.10 -4.87 -4.21
CA LEU A 223 0.46 -4.52 -5.49
C LEU A 223 -0.30 -5.73 -6.04
N GLY A 224 0.27 -6.93 -5.90
CA GLY A 224 -0.45 -8.12 -6.36
C GLY A 224 -1.77 -8.29 -5.63
N CYS A 225 -1.76 -8.07 -4.30
CA CYS A 225 -2.99 -8.09 -3.55
C CYS A 225 -3.98 -7.05 -4.06
N ILE A 226 -3.49 -5.84 -4.30
CA ILE A 226 -4.39 -4.76 -4.72
C ILE A 226 -5.01 -5.06 -6.07
N LEU A 227 -4.24 -5.62 -7.01
CA LEU A 227 -4.83 -5.83 -8.35
C LEU A 227 -5.95 -6.84 -8.27
N VAL A 228 -5.82 -7.84 -7.40
CA VAL A 228 -6.90 -8.81 -7.27
C VAL A 228 -8.11 -8.13 -6.68
N GLU A 229 -7.91 -7.33 -5.63
CA GLU A 229 -9.03 -6.63 -5.01
C GLU A 229 -9.76 -5.70 -5.99
N MET A 230 -8.97 -4.99 -6.79
CA MET A 230 -9.55 -4.11 -7.83
CA MET A 230 -9.61 -4.12 -7.82
C MET A 230 -10.48 -4.90 -8.79
N HIS A 231 -10.07 -6.12 -9.12
CA HIS A 231 -10.84 -6.93 -10.07
C HIS A 231 -12.04 -7.61 -9.39
N THR A 232 -11.92 -8.03 -8.14
CA THR A 232 -12.98 -8.82 -7.51
C THR A 232 -13.85 -7.98 -6.60
N GLY A 233 -13.31 -6.85 -6.10
CA GLY A 233 -14.04 -5.97 -5.23
C GLY A 233 -13.68 -6.14 -3.79
N GLU A 234 -12.97 -7.21 -3.43
CA GLU A 234 -12.74 -7.61 -2.05
C GLU A 234 -11.28 -7.93 -1.81
N PRO A 235 -10.77 -7.68 -0.61
CA PRO A 235 -9.38 -7.99 -0.32
C PRO A 235 -9.13 -9.48 -0.54
N LEU A 236 -7.99 -9.76 -1.14
CA LEU A 236 -7.58 -11.16 -1.36
C LEU A 236 -7.34 -11.87 -0.03
N PHE A 237 -6.59 -11.25 0.88
CA PHE A 237 -6.18 -11.86 2.17
C PHE A 237 -6.58 -10.97 3.34
N SER A 238 -7.81 -11.09 3.83
CA SER A 238 -8.24 -10.18 4.89
C SER A 238 -8.07 -10.82 6.27
N GLY A 239 -6.80 -10.97 6.68
CA GLY A 239 -6.54 -11.62 7.96
C GLY A 239 -6.94 -10.78 9.17
N SER A 240 -7.40 -11.44 10.25
CA SER A 240 -7.75 -10.73 11.48
C SER A 240 -6.56 -10.44 12.41
N ASN A 241 -5.39 -11.03 12.15
CA ASN A 241 -4.14 -10.90 12.90
C ASN A 241 -3.09 -11.56 12.02
N GLU A 242 -1.84 -11.59 12.48
CA GLU A 242 -0.77 -12.07 11.59
C GLU A 242 -0.88 -13.57 11.30
N VAL A 243 -1.21 -14.39 12.31
CA VAL A 243 -1.36 -15.83 12.09
C VAL A 243 -2.46 -16.07 11.07
N ASP A 244 -3.60 -15.39 11.24
CA ASP A 244 -4.69 -15.55 10.28
C ASP A 244 -4.29 -15.02 8.91
N GLN A 245 -3.48 -13.96 8.86
CA GLN A 245 -3.01 -13.46 7.56
C GLN A 245 -2.16 -14.51 6.84
N MET A 246 -1.17 -15.10 7.53
CA MET A 246 -0.44 -16.25 6.97
C MET A 246 -1.32 -17.38 6.53
N ASN A 247 -2.28 -17.74 7.37
CA ASN A 247 -3.15 -18.87 7.06
C ASN A 247 -3.90 -18.61 5.76
N ARG A 248 -4.39 -17.39 5.57
CA ARG A 248 -5.14 -17.10 4.35
C ARG A 248 -4.23 -17.07 3.13
N ILE A 249 -2.99 -16.63 3.31
CA ILE A 249 -2.03 -16.63 2.21
C ILE A 249 -1.73 -18.04 1.80
N VAL A 250 -1.49 -18.89 2.79
CA VAL A 250 -1.13 -20.28 2.52
C VAL A 250 -2.31 -21.00 1.86
N GLU A 251 -3.53 -20.65 2.26
CA GLU A 251 -4.67 -21.31 1.64
C GLU A 251 -4.69 -21.09 0.13
N VAL A 252 -4.18 -19.95 -0.34
CA VAL A 252 -4.17 -19.70 -1.80
C VAL A 252 -2.89 -20.20 -2.43
N LEU A 253 -1.73 -19.87 -1.85
CA LEU A 253 -0.44 -20.04 -2.50
C LEU A 253 0.37 -21.22 -1.95
N GLY A 254 -0.13 -21.96 -0.95
CA GLY A 254 0.60 -23.17 -0.47
C GLY A 254 1.66 -22.84 0.57
N ILE A 255 2.46 -23.86 0.89
CA ILE A 255 3.46 -23.66 1.94
C ILE A 255 4.62 -22.89 1.31
N PRO A 256 5.21 -21.92 2.02
CA PRO A 256 6.37 -21.19 1.48
C PRO A 256 7.58 -22.10 1.30
N PRO A 257 8.54 -21.72 0.46
CA PRO A 257 9.70 -22.59 0.21
C PRO A 257 10.56 -22.75 1.47
N ALA A 258 11.13 -23.96 1.58
CA ALA A 258 11.96 -24.30 2.74
C ALA A 258 13.12 -23.34 2.93
N ALA A 259 13.79 -22.94 1.82
CA ALA A 259 14.90 -21.99 1.92
C ALA A 259 14.47 -20.69 2.61
N MET A 260 13.24 -20.27 2.40
CA MET A 260 12.74 -19.07 3.12
C MET A 260 12.42 -19.41 4.57
N LEU A 261 11.68 -20.49 4.82
CA LEU A 261 11.25 -20.78 6.18
C LEU A 261 12.45 -21.15 7.08
N ASP A 262 13.51 -21.72 6.50
CA ASP A 262 14.68 -22.16 7.27
C ASP A 262 15.43 -20.99 7.91
N GLN A 263 15.44 -19.83 7.25
CA GLN A 263 16.09 -18.62 7.72
C GLN A 263 15.09 -17.58 8.20
N ALA A 264 13.88 -18.02 8.60
CA ALA A 264 12.82 -17.06 8.98
C ALA A 264 12.66 -17.05 10.49
N PRO A 265 12.97 -15.93 11.15
CA PRO A 265 12.90 -15.93 12.62
C PRO A 265 11.55 -16.39 13.13
N LYS A 266 10.47 -15.99 12.46
CA LYS A 266 9.14 -16.29 12.96
C LYS A 266 8.51 -17.46 12.23
N ALA A 267 9.32 -18.28 11.55
CA ALA A 267 8.75 -19.44 10.86
C ALA A 267 7.83 -20.22 11.79
N ARG A 268 8.26 -20.42 13.04
CA ARG A 268 7.54 -21.28 13.97
C ARG A 268 6.29 -20.63 14.54
N LYS A 269 6.07 -19.33 14.29
CA LYS A 269 4.82 -18.73 14.72
C LYS A 269 3.66 -19.27 13.92
N TYR A 270 3.92 -19.64 12.69
CA TYR A 270 2.92 -20.12 11.76
C TYR A 270 3.07 -21.58 11.36
N PHE A 271 4.30 -22.08 11.31
CA PHE A 271 4.58 -23.36 10.72
C PHE A 271 5.30 -24.23 11.74
N GLU A 272 5.24 -25.53 11.50
CA GLU A 272 6.00 -26.49 12.30
C GLU A 272 6.66 -27.50 11.37
N ARG A 273 7.71 -28.14 11.92
CA ARG A 273 8.52 -29.11 11.22
C ARG A 273 7.94 -30.50 11.42
N LEU A 274 7.76 -31.21 10.36
CA LEU A 274 7.42 -32.61 10.31
C LEU A 274 8.70 -33.42 10.13
N PRO A 275 8.93 -34.50 10.87
CA PRO A 275 10.14 -35.31 10.65
C PRO A 275 10.18 -35.84 9.22
N GLY A 276 11.19 -35.40 8.47
CA GLY A 276 11.28 -35.77 7.07
C GLY A 276 10.03 -35.41 6.29
N GLY A 277 9.40 -34.29 6.63
CA GLY A 277 8.24 -33.89 5.85
C GLY A 277 8.28 -32.40 5.61
N GLY A 278 9.45 -31.80 5.83
CA GLY A 278 9.48 -30.34 5.63
C GLY A 278 8.55 -29.55 6.56
N TRP A 279 8.07 -28.45 6.03
CA TRP A 279 7.29 -27.53 6.83
C TRP A 279 5.81 -27.71 6.55
N THR A 280 4.99 -27.51 7.57
CA THR A 280 3.53 -27.60 7.48
C THR A 280 2.90 -26.50 8.32
N LEU A 281 1.66 -26.18 8.04
CA LEU A 281 1.01 -25.09 8.77
C LEU A 281 0.65 -25.59 10.17
N ARG A 282 1.02 -24.82 11.21
CA ARG A 282 0.54 -25.14 12.55
C ARG A 282 -0.97 -25.15 12.59
N ARG A 283 -1.54 -26.24 13.11
CA ARG A 283 -3.00 -26.39 13.13
C ARG A 283 -3.49 -25.98 14.51
N THR A 284 -3.65 -24.66 14.69
CA THR A 284 -4.23 -24.11 15.90
C THR A 284 -5.73 -23.86 15.67
N LYS A 285 -6.40 -23.38 16.72
CA LYS A 285 -7.82 -23.02 16.59
C LYS A 285 -8.02 -21.72 15.79
N GLU A 286 -6.94 -20.99 15.47
CA GLU A 286 -7.00 -19.86 14.55
C GLU A 286 -7.40 -20.30 13.14
N LEU A 287 -7.18 -21.57 12.80
CA LEU A 287 -7.55 -22.10 11.47
C LEU A 287 -9.07 -22.34 11.42
N ARG A 288 -9.76 -21.74 10.45
CA ARG A 288 -11.19 -21.94 10.30
C ARG A 288 -11.49 -23.42 10.09
N LYS A 289 -12.66 -23.86 10.56
CA LYS A 289 -12.96 -25.30 10.55
C LYS A 289 -13.09 -25.84 9.13
N ASP A 290 -13.52 -25.02 8.18
CA ASP A 290 -13.64 -25.46 6.79
C ASP A 290 -12.33 -25.33 6.01
N TYR A 291 -11.21 -25.11 6.69
CA TYR A 291 -9.94 -25.00 5.98
C TYR A 291 -9.57 -26.35 5.38
N GLN A 292 -9.30 -26.37 4.09
CA GLN A 292 -9.07 -27.62 3.37
C GLN A 292 -7.59 -27.97 3.18
N GLY A 293 -6.68 -27.05 3.43
CA GLY A 293 -5.28 -27.33 3.20
C GLY A 293 -4.58 -26.23 2.42
N PRO A 294 -3.27 -26.37 2.28
CA PRO A 294 -2.51 -25.38 1.50
C PRO A 294 -2.88 -25.46 0.04
N GLY A 295 -2.94 -24.28 -0.60
CA GLY A 295 -3.24 -24.15 -2.01
C GLY A 295 -4.60 -24.65 -2.45
N THR A 296 -5.56 -24.77 -1.53
CA THR A 296 -6.88 -25.28 -1.87
C THR A 296 -7.87 -24.16 -2.25
N ARG A 297 -7.52 -22.90 -2.04
CA ARG A 297 -8.33 -21.79 -2.55
C ARG A 297 -7.58 -21.27 -3.77
N ARG A 298 -7.87 -21.84 -4.94
CA ARG A 298 -7.08 -21.54 -6.12
C ARG A 298 -7.32 -20.10 -6.54
N LEU A 299 -6.28 -19.42 -6.99
CA LEU A 299 -6.52 -18.05 -7.47
C LEU A 299 -7.49 -18.03 -8.63
N GLN A 300 -7.45 -19.02 -9.50
CA GLN A 300 -8.45 -19.12 -10.56
C GLN A 300 -9.87 -19.04 -10.01
N GLU A 301 -10.14 -19.64 -8.83
CA GLU A 301 -11.52 -19.53 -8.36
C GLU A 301 -11.79 -18.22 -7.63
N VAL A 302 -10.79 -17.64 -6.96
CA VAL A 302 -10.95 -16.31 -6.38
C VAL A 302 -11.38 -15.32 -7.47
N LEU A 303 -10.70 -15.36 -8.61
CA LEU A 303 -11.06 -14.43 -9.67
C LEU A 303 -12.46 -14.70 -10.19
N GLY A 304 -12.91 -15.95 -10.12
CA GLY A 304 -14.27 -16.26 -10.47
C GLY A 304 -14.45 -16.50 -11.96
N VAL A 305 -15.72 -16.63 -12.33
CA VAL A 305 -16.12 -16.97 -13.70
C VAL A 305 -16.42 -15.70 -14.50
N GLY A 319 -10.18 -6.29 -25.03
CA GLY A 319 -9.35 -6.44 -23.83
C GLY A 319 -9.80 -7.40 -22.71
N HIS A 320 -10.89 -8.15 -22.97
CA HIS A 320 -11.56 -9.01 -21.98
C HIS A 320 -11.62 -10.48 -22.41
N SER A 321 -10.80 -10.90 -23.39
CA SER A 321 -10.76 -12.30 -23.83
C SER A 321 -10.36 -13.21 -22.67
N PRO A 322 -10.73 -14.50 -22.74
CA PRO A 322 -10.24 -15.44 -21.70
C PRO A 322 -8.72 -15.55 -21.66
N ALA A 323 -8.04 -15.31 -22.78
CA ALA A 323 -6.58 -15.22 -22.75
C ALA A 323 -6.13 -14.01 -21.92
N ASP A 324 -6.88 -12.91 -21.94
CA ASP A 324 -6.51 -11.76 -21.11
C ASP A 324 -6.62 -12.09 -19.63
N TYR A 325 -7.66 -12.84 -19.25
CA TYR A 325 -7.80 -13.28 -17.85
C TYR A 325 -6.66 -14.19 -17.45
N LEU A 326 -6.25 -15.11 -18.34
CA LEU A 326 -5.10 -15.97 -18.02
C LEU A 326 -3.82 -15.14 -17.87
N ARG A 327 -3.64 -14.10 -18.70
CA ARG A 327 -2.45 -13.26 -18.54
C ARG A 327 -2.49 -12.50 -17.22
N PHE A 328 -3.66 -11.98 -16.86
CA PHE A 328 -3.81 -11.29 -15.59
C PHE A 328 -3.45 -12.21 -14.42
N GLN A 329 -3.95 -13.44 -14.46
CA GLN A 329 -3.67 -14.37 -13.38
C GLN A 329 -2.17 -14.69 -13.34
N ASP A 330 -1.56 -14.89 -14.50
CA ASP A 330 -0.13 -15.11 -14.53
C ASP A 330 0.63 -13.96 -13.90
N LEU A 331 0.32 -12.70 -14.27
CA LEU A 331 1.00 -11.55 -13.66
C LEU A 331 0.80 -11.55 -12.14
N VAL A 332 -0.43 -11.77 -11.68
CA VAL A 332 -0.68 -11.72 -10.25
C VAL A 332 0.15 -12.77 -9.53
N LEU A 333 0.22 -14.00 -10.08
CA LEU A 333 1.00 -15.02 -9.40
C LEU A 333 2.49 -14.65 -9.39
N ARG A 334 2.98 -13.91 -10.38
CA ARG A 334 4.38 -13.54 -10.30
C ARG A 334 4.58 -12.45 -9.27
N MET A 335 3.53 -11.66 -9.00
CA MET A 335 3.62 -10.67 -7.92
C MET A 335 3.56 -11.29 -6.54
N LEU A 336 2.92 -12.44 -6.43
CA LEU A 336 2.70 -13.10 -5.16
C LEU A 336 3.67 -14.26 -4.94
N GLU A 337 4.83 -14.24 -5.61
CA GLU A 337 5.85 -15.24 -5.32
C GLU A 337 6.31 -15.06 -3.88
N TYR A 338 6.54 -16.17 -3.18
CA TYR A 338 6.95 -16.06 -1.79
C TYR A 338 8.35 -15.47 -1.64
N GLU A 339 9.35 -16.06 -2.35
CA GLU A 339 10.72 -15.58 -2.31
C GLU A 339 10.85 -14.21 -2.94
N PRO A 340 11.28 -13.18 -2.19
CA PRO A 340 11.42 -11.85 -2.83
C PRO A 340 12.36 -11.88 -4.03
N ALA A 341 13.40 -12.71 -4.05
CA ALA A 341 14.26 -12.76 -5.24
C ALA A 341 13.50 -13.25 -6.45
N ALA A 342 12.44 -14.02 -6.22
CA ALA A 342 11.73 -14.63 -7.33
C ALA A 342 10.56 -13.78 -7.75
N ARG A 343 10.15 -12.86 -6.90
CA ARG A 343 8.96 -12.05 -7.16
C ARG A 343 9.26 -11.10 -8.31
N ILE A 344 8.28 -10.87 -9.19
CA ILE A 344 8.54 -10.13 -10.43
C ILE A 344 8.97 -8.71 -10.08
N SER A 345 9.89 -8.16 -10.87
CA SER A 345 10.37 -6.79 -10.62
C SER A 345 9.40 -5.81 -11.22
N PRO A 346 9.49 -4.52 -10.85
CA PRO A 346 8.69 -3.52 -11.56
C PRO A 346 8.87 -3.60 -13.08
N LEU A 347 10.11 -3.63 -13.59
CA LEU A 347 10.30 -3.71 -15.05
C LEU A 347 9.71 -5.01 -15.62
N GLY A 348 9.97 -6.14 -14.96
CA GLY A 348 9.36 -7.40 -15.39
C GLY A 348 7.85 -7.28 -15.47
N ALA A 349 7.23 -6.66 -14.46
CA ALA A 349 5.78 -6.55 -14.52
C ALA A 349 5.36 -5.70 -15.72
N LEU A 350 6.07 -4.60 -15.97
CA LEU A 350 5.68 -3.72 -17.08
C LEU A 350 5.83 -4.41 -18.41
N GLN A 351 6.79 -5.34 -18.52
CA GLN A 351 7.00 -6.02 -19.79
C GLN A 351 6.08 -7.24 -19.95
N HIS A 352 5.25 -7.51 -18.95
CA HIS A 352 4.43 -8.71 -18.94
C HIS A 352 3.36 -8.64 -20.01
N GLY A 353 3.00 -9.80 -20.57
CA GLY A 353 2.02 -9.80 -21.65
C GLY A 353 0.65 -9.26 -21.23
N PHE A 354 0.36 -9.19 -19.94
CA PHE A 354 -0.90 -8.58 -19.50
C PHE A 354 -1.01 -7.17 -20.04
N PHE A 355 0.13 -6.46 -20.14
CA PHE A 355 0.16 -5.05 -20.60
C PHE A 355 0.50 -4.89 -22.07
N ARG A 356 1.38 -5.74 -22.58
CA ARG A 356 2.10 -5.53 -23.82
C ARG A 356 1.51 -6.37 -24.94
N ARG A 357 1.31 -5.73 -26.11
CA ARG A 357 0.89 -6.46 -27.29
C ARG A 357 1.92 -7.50 -27.75
N THR A 358 3.20 -7.33 -27.40
CA THR A 358 4.26 -8.24 -27.80
C THR A 358 4.59 -9.28 -26.72
C3 QS0 B . -12.68 8.82 1.85
C1 QS0 B . -15.04 8.12 1.74
C6 QS0 B . -13.04 10.55 -0.42
C8 QS0 B . -10.80 11.34 -0.10
C9 QS0 B . -11.00 12.65 -0.55
C10 QS0 B . -9.93 13.38 -1.04
C12 QS0 B . -8.44 11.54 -0.64
C17 QS0 B . -4.23 14.59 -1.71
C18 QS0 B . -3.70 13.85 -0.66
C19 QS0 B . -4.57 13.03 0.02
O31 QS0 B . -10.03 14.68 -1.47
C30 QS0 B . -4.46 8.94 2.93
C11 QS0 B . -8.65 12.85 -1.07
C13 QS0 B . -9.50 10.79 -0.15
C15 QS0 B . -6.28 13.72 -1.34
C21 QS0 B . -4.12 12.05 1.03
C22 QS0 B . -4.81 10.96 1.47
C24 QS0 B . -2.83 10.82 2.50
C25 QS0 B . -2.83 11.97 1.71
C26 QS0 B . -1.66 12.73 1.64
C27 QS0 B . -0.57 12.28 2.39
C29 QS0 B . -1.70 10.44 3.20
C32 QS0 B . -11.30 15.33 -1.32
C4 QS0 B . -11.50 9.34 1.05
C7 QS0 B . -14.23 10.02 0.40
N14 QS0 B . -7.62 13.71 -1.48
N16 QS0 B . -5.52 14.56 -2.07
N2 QS0 B . -13.89 8.69 0.99
N20 QS0 B . -5.87 12.96 -0.29
N23 QS0 B . -4.06 10.21 2.33
N28 QS0 B . -0.58 11.16 3.14
N5 QS0 B . -11.83 10.62 0.40
MN MN C . 0.54 4.84 6.40
MN MN D . 11.92 21.66 3.27
MN MN E . -16.22 -10.47 -6.45
#